data_5MTK
#
_entry.id   5MTK
#
_cell.length_a   64.589
_cell.length_b   64.589
_cell.length_c   161.102
_cell.angle_alpha   90.00
_cell.angle_beta   90.00
_cell.angle_gamma   90.00
#
_symmetry.space_group_name_H-M   'P 43 21 2'
#
loop_
_entity.id
_entity.type
_entity.pdbx_description
1 polymer Caspase-1
2 polymer Caspase-1
3 non-polymer '(3~{S})-3-[[(3~{S},6~{S},10~{a}~{S})-6-(isoquinolin-1-ylcarbonylamino)-5-oxidanylidene-2,3,6,7,8,9,10,10~{a}-octahydro-1~{H}-pyrrolo[1,2-a]azocin-3-yl]carbonylamino]-4-oxidanyl-butanoic acid'
4 water water
#
loop_
_entity_poly.entity_id
_entity_poly.type
_entity_poly.pdbx_seq_one_letter_code
_entity_poly.pdbx_strand_id
1 'polypeptide(L)'
;MNPAMPTSSGSEGNVKLCSLEEAQRIWKQKSAEIYPIMDKSSRTRLALIICNEEFDSIPRRTGAEVDITGMTMLLQNLGY
SVDVKKNLTASDMTTELEAFAHRPEHKTSDSTFLVFMSHGIREGICGKKHSEQVPDILQLNAIFNMLNTKNCPSLKDKPK
VIIIQACRGDSPGVVWFKD
;
A
2 'polypeptide(L)'
;MAIKKAHIEKDFIAFCSSTPDNVSWRHPTMGSVFIGRLIEHMQEYACSCDVEEIFRKVRFSFEQPDGRAQMPTTERVTLT
RCFYLFPGH
;
B
#
loop_
_chem_comp.id
_chem_comp.type
_chem_comp.name
_chem_comp.formula
N7N non-polymer '(3~{S})-3-[[(3~{S},6~{S},10~{a}~{S})-6-(isoquinolin-1-ylcarbonylamino)-5-oxidanylidene-2,3,6,7,8,9,10,10~{a}-octahydro-1~{H}-pyrrolo[1,2-a]azocin-3-yl]carbonylamino]-4-oxidanyl-butanoic acid' 'C25 H30 N4 O6'
#
# COMPACT_ATOMS: atom_id res chain seq x y z
N GLY A 10 3.71 18.04 1.84
CA GLY A 10 2.45 17.32 2.05
C GLY A 10 1.98 17.33 3.49
N SER A 11 1.31 16.23 3.91
CA SER A 11 0.78 16.03 5.27
C SER A 11 1.93 15.87 6.27
N GLU A 12 1.72 16.30 7.53
CA GLU A 12 2.73 16.25 8.59
C GLU A 12 3.09 14.82 9.06
N GLY A 13 2.10 13.92 9.04
CA GLY A 13 2.29 12.52 9.41
C GLY A 13 2.21 12.19 10.89
N ASN A 14 1.88 13.18 11.75
CA ASN A 14 1.79 13.00 13.21
C ASN A 14 0.60 12.09 13.62
N VAL A 15 0.91 10.82 13.88
CA VAL A 15 -0.02 9.74 14.23
C VAL A 15 -0.36 9.76 15.74
N LYS A 16 -1.66 9.61 16.08
CA LYS A 16 -2.16 9.55 17.45
C LYS A 16 -1.71 8.22 18.08
N LEU A 17 -0.80 8.33 19.06
CA LEU A 17 -0.17 7.23 19.79
C LEU A 17 -1.15 6.38 20.62
N CYS A 18 -0.80 5.09 20.78
CA CYS A 18 -1.54 4.12 21.59
C CYS A 18 -0.88 4.02 22.97
N SER A 19 -1.69 4.10 24.03
CA SER A 19 -1.24 4.01 25.42
C SER A 19 -1.09 2.55 25.89
N LEU A 20 -0.24 2.32 26.91
CA LEU A 20 0.01 1.00 27.50
C LEU A 20 -1.28 0.43 28.14
N GLU A 21 -2.16 1.32 28.62
CA GLU A 21 -3.46 1.03 29.22
C GLU A 21 -4.38 0.39 28.16
N GLU A 22 -4.27 0.87 26.89
CA GLU A 22 -5.02 0.38 25.73
C GLU A 22 -4.35 -0.87 25.14
N ALA A 23 -3.00 -0.92 25.14
CA ALA A 23 -2.21 -2.04 24.61
C ALA A 23 -2.46 -3.36 25.35
N GLN A 24 -2.48 -3.33 26.69
CA GLN A 24 -2.72 -4.50 27.55
C GLN A 24 -4.19 -4.94 27.51
N ARG A 25 -5.11 -4.01 27.20
CA ARG A 25 -6.57 -4.24 27.11
C ARG A 25 -6.91 -5.23 25.98
N ILE A 26 -6.17 -5.18 24.85
CA ILE A 26 -6.38 -6.06 23.70
C ILE A 26 -5.47 -7.31 23.79
N TRP A 27 -5.50 -8.01 24.94
CA TRP A 27 -4.70 -9.22 25.18
C TRP A 27 -5.46 -10.27 25.98
N SER A 31 -4.21 -11.84 22.96
CA SER A 31 -4.97 -12.76 22.12
C SER A 31 -4.08 -13.51 21.13
N ALA A 32 -4.46 -14.76 20.83
CA ALA A 32 -3.77 -15.65 19.88
C ALA A 32 -4.14 -15.29 18.43
N GLU A 33 -5.13 -14.39 18.24
CA GLU A 33 -5.60 -13.93 16.94
C GLU A 33 -5.01 -12.55 16.54
N ILE A 34 -3.89 -12.15 17.14
CA ILE A 34 -3.16 -10.91 16.85
C ILE A 34 -1.75 -11.28 16.37
N TYR A 35 -1.27 -10.60 15.29
CA TYR A 35 0.08 -10.82 14.75
C TYR A 35 1.14 -10.41 15.78
N PRO A 36 2.24 -11.20 15.94
CA PRO A 36 3.27 -10.81 16.93
C PRO A 36 4.08 -9.58 16.53
N ILE A 37 4.45 -8.77 17.54
CA ILE A 37 5.22 -7.53 17.38
C ILE A 37 6.57 -7.66 18.10
N MET A 38 7.65 -7.28 17.40
CA MET A 38 9.03 -7.31 17.93
C MET A 38 9.32 -6.07 18.79
N ASP A 39 10.36 -6.16 19.64
CA ASP A 39 10.84 -5.09 20.53
C ASP A 39 11.50 -4.00 19.69
N LYS A 40 11.17 -2.73 19.95
CA LYS A 40 11.68 -1.53 19.26
C LYS A 40 13.20 -1.31 19.38
N SER A 41 13.85 -1.95 20.36
CA SER A 41 15.29 -1.81 20.59
C SER A 41 16.16 -2.61 19.59
N SER A 42 15.56 -3.59 18.87
CA SER A 42 16.31 -4.43 17.93
C SER A 42 15.64 -4.64 16.56
N ARG A 43 14.30 -4.42 16.45
CA ARG A 43 13.56 -4.63 15.19
C ARG A 43 14.00 -3.68 14.06
N THR A 44 14.09 -4.22 12.83
CA THR A 44 14.49 -3.52 11.61
C THR A 44 13.39 -3.60 10.53
N ARG A 45 12.39 -2.69 10.62
CA ARG A 45 11.25 -2.62 9.68
C ARG A 45 11.61 -1.96 8.34
N LEU A 46 11.04 -2.46 7.23
CA LEU A 46 11.30 -1.91 5.88
C LEU A 46 10.02 -1.58 5.11
N ALA A 47 9.96 -0.35 4.55
CA ALA A 47 8.87 0.15 3.72
C ALA A 47 9.46 0.66 2.39
N LEU A 48 8.88 0.24 1.25
CA LEU A 48 9.35 0.61 -0.08
C LEU A 48 8.30 1.42 -0.85
N ILE A 49 8.74 2.52 -1.48
CA ILE A 49 7.91 3.43 -2.28
C ILE A 49 8.45 3.53 -3.71
N ILE A 50 7.58 3.29 -4.70
CA ILE A 50 7.87 3.39 -6.13
C ILE A 50 6.88 4.39 -6.74
N CYS A 51 7.38 5.47 -7.37
CA CYS A 51 6.53 6.48 -7.98
C CYS A 51 7.01 6.93 -9.35
N ASN A 52 6.10 6.91 -10.34
CA ASN A 52 6.37 7.35 -11.70
C ASN A 52 5.62 8.65 -11.95
N GLU A 53 6.36 9.76 -12.18
CA GLU A 53 5.80 11.08 -12.43
C GLU A 53 6.04 11.52 -13.88
N GLU A 54 7.29 11.39 -14.38
CA GLU A 54 7.67 11.74 -15.74
C GLU A 54 7.46 10.55 -16.69
N PHE A 55 6.73 10.78 -17.80
CA PHE A 55 6.42 9.76 -18.80
C PHE A 55 6.72 10.27 -20.22
N ASP A 56 7.02 9.35 -21.14
CA ASP A 56 7.33 9.68 -22.54
C ASP A 56 6.07 9.88 -23.38
N SER A 57 5.09 8.94 -23.30
CA SER A 57 3.86 8.96 -24.08
C SER A 57 2.67 9.65 -23.40
N ILE A 58 2.19 9.10 -22.26
CA ILE A 58 1.03 9.60 -21.51
C ILE A 58 1.40 10.83 -20.62
N PRO A 59 0.43 11.74 -20.27
CA PRO A 59 0.81 12.95 -19.51
C PRO A 59 1.42 12.75 -18.12
N ARG A 60 2.19 13.78 -17.68
CA ARG A 60 2.90 13.88 -16.42
C ARG A 60 1.94 13.99 -15.23
N ARG A 61 2.22 13.25 -14.14
CA ARG A 61 1.42 13.25 -12.91
C ARG A 61 1.83 14.42 -12.00
N THR A 62 1.29 15.62 -12.27
CA THR A 62 1.59 16.84 -11.51
C THR A 62 0.99 16.78 -10.11
N GLY A 63 1.83 17.02 -9.10
CA GLY A 63 1.48 16.99 -7.69
C GLY A 63 1.73 15.64 -7.02
N ALA A 64 2.59 14.81 -7.64
CA ALA A 64 2.95 13.48 -7.14
C ALA A 64 3.93 13.56 -5.97
N GLU A 65 4.76 14.62 -5.93
CA GLU A 65 5.75 14.86 -4.87
C GLU A 65 5.11 15.12 -3.51
N VAL A 66 3.86 15.64 -3.50
CA VAL A 66 3.07 15.93 -2.30
C VAL A 66 2.69 14.58 -1.64
N ASP A 67 2.27 13.59 -2.46
CA ASP A 67 1.89 12.26 -1.99
C ASP A 67 3.08 11.40 -1.57
N ILE A 68 4.30 11.78 -2.00
CA ILE A 68 5.53 11.10 -1.60
C ILE A 68 5.88 11.60 -0.18
N THR A 69 5.76 12.92 0.06
CA THR A 69 6.01 13.60 1.35
C THR A 69 5.08 13.08 2.47
N GLY A 70 3.84 12.73 2.11
CA GLY A 70 2.85 12.23 3.05
C GLY A 70 3.13 10.83 3.55
N MET A 71 3.25 9.87 2.62
CA MET A 71 3.49 8.44 2.89
C MET A 71 4.87 8.19 3.51
N THR A 72 5.94 8.83 2.96
CA THR A 72 7.34 8.71 3.43
C THR A 72 7.45 9.13 4.90
N MET A 73 6.64 10.11 5.34
CA MET A 73 6.61 10.59 6.71
C MET A 73 5.72 9.74 7.60
N LEU A 74 4.50 9.35 7.12
CA LEU A 74 3.56 8.52 7.89
C LEU A 74 4.13 7.14 8.25
N LEU A 75 4.75 6.45 7.28
CA LEU A 75 5.37 5.14 7.48
C LEU A 75 6.58 5.23 8.43
N GLN A 76 7.32 6.35 8.38
CA GLN A 76 8.46 6.62 9.27
C GLN A 76 7.98 6.87 10.70
N ASN A 77 6.74 7.39 10.85
CA ASN A 77 6.11 7.65 12.15
C ASN A 77 5.54 6.35 12.75
N LEU A 78 5.65 5.23 11.99
CA LEU A 78 5.20 3.89 12.38
C LEU A 78 6.40 2.92 12.53
N GLY A 79 7.60 3.49 12.70
CA GLY A 79 8.86 2.78 12.91
C GLY A 79 9.55 2.15 11.72
N TYR A 80 9.01 2.35 10.51
CA TYR A 80 9.55 1.78 9.27
C TYR A 80 10.69 2.63 8.67
N SER A 81 11.63 1.97 7.97
CA SER A 81 12.74 2.61 7.25
C SER A 81 12.29 2.70 5.79
N VAL A 82 12.08 3.94 5.30
CA VAL A 82 11.53 4.22 3.97
C VAL A 82 12.60 4.37 2.88
N ASP A 83 12.35 3.74 1.73
CA ASP A 83 13.16 3.79 0.51
C ASP A 83 12.25 4.27 -0.65
N VAL A 84 12.66 5.36 -1.33
CA VAL A 84 11.89 5.96 -2.44
C VAL A 84 12.63 5.77 -3.77
N LYS A 85 11.98 5.11 -4.75
CA LYS A 85 12.53 4.86 -6.09
C LYS A 85 11.61 5.48 -7.16
N LYS A 86 12.08 6.59 -7.79
CA LYS A 86 11.31 7.36 -8.78
C LYS A 86 11.66 7.08 -10.26
N ASN A 87 10.62 7.09 -11.13
CA ASN A 87 10.65 6.89 -12.59
C ASN A 87 11.34 5.59 -13.01
N LEU A 88 10.57 4.48 -13.03
CA LEU A 88 11.05 3.14 -13.37
C LEU A 88 10.18 2.47 -14.42
N THR A 89 10.76 1.54 -15.19
CA THR A 89 10.06 0.73 -16.19
C THR A 89 9.51 -0.52 -15.48
N ALA A 90 8.68 -1.33 -16.18
CA ALA A 90 8.11 -2.57 -15.62
C ALA A 90 9.23 -3.58 -15.26
N SER A 91 10.27 -3.69 -16.11
CA SER A 91 11.43 -4.55 -15.92
C SER A 91 12.33 -4.04 -14.78
N ASP A 92 12.41 -2.70 -14.61
CA ASP A 92 13.16 -2.05 -13.53
C ASP A 92 12.47 -2.28 -12.20
N MET A 93 11.12 -2.24 -12.20
CA MET A 93 10.25 -2.48 -11.04
C MET A 93 10.46 -3.90 -10.52
N THR A 94 10.48 -4.90 -11.44
CA THR A 94 10.69 -6.34 -11.17
C THR A 94 12.04 -6.60 -10.47
N THR A 95 13.11 -5.91 -10.89
CA THR A 95 14.45 -6.05 -10.30
C THR A 95 14.47 -5.47 -8.87
N GLU A 96 13.87 -4.27 -8.67
CA GLU A 96 13.79 -3.60 -7.37
C GLU A 96 12.93 -4.38 -6.36
N LEU A 97 11.88 -5.08 -6.84
CA LEU A 97 11.02 -5.92 -5.99
C LEU A 97 11.78 -7.16 -5.48
N GLU A 98 12.61 -7.77 -6.36
CA GLU A 98 13.46 -8.92 -6.03
C GLU A 98 14.60 -8.53 -5.08
N ALA A 99 15.13 -7.30 -5.23
CA ALA A 99 16.21 -6.75 -4.41
C ALA A 99 15.73 -6.42 -2.99
N PHE A 100 14.47 -5.97 -2.85
CA PHE A 100 13.83 -5.61 -1.58
C PHE A 100 13.57 -6.84 -0.70
N ALA A 101 13.10 -7.96 -1.33
CA ALA A 101 12.82 -9.23 -0.66
C ALA A 101 14.11 -9.96 -0.26
N HIS A 102 15.18 -9.83 -1.07
CA HIS A 102 16.48 -10.45 -0.83
C HIS A 102 17.28 -9.77 0.30
N ARG A 103 16.74 -8.69 0.89
CA ARG A 103 17.36 -7.95 1.98
C ARG A 103 17.26 -8.74 3.30
N PRO A 104 18.39 -8.98 3.99
CA PRO A 104 18.35 -9.77 5.24
C PRO A 104 17.84 -9.00 6.47
N GLU A 105 17.42 -7.74 6.28
CA GLU A 105 16.86 -6.89 7.33
C GLU A 105 15.44 -7.36 7.70
N HIS A 106 14.76 -8.06 6.76
CA HIS A 106 13.41 -8.64 6.94
C HIS A 106 13.37 -9.73 8.02
N LYS A 107 14.51 -10.41 8.28
CA LYS A 107 14.64 -11.48 9.28
C LYS A 107 14.30 -11.00 10.70
N THR A 108 14.74 -9.77 11.04
CA THR A 108 14.49 -9.14 12.34
C THR A 108 13.41 -8.06 12.18
N SER A 109 12.34 -8.41 11.46
CA SER A 109 11.19 -7.54 11.17
C SER A 109 9.88 -8.29 11.35
N ASP A 110 8.85 -7.60 11.83
CA ASP A 110 7.52 -8.17 12.07
C ASP A 110 6.53 -7.91 10.95
N SER A 111 6.73 -6.83 10.16
CA SER A 111 5.85 -6.42 9.07
C SER A 111 6.58 -5.62 7.97
N THR A 112 5.87 -5.38 6.84
CA THR A 112 6.34 -4.60 5.69
C THR A 112 5.18 -3.89 4.95
N PHE A 113 5.49 -2.77 4.30
CA PHE A 113 4.53 -1.96 3.53
C PHE A 113 5.11 -1.62 2.17
N LEU A 114 4.28 -1.65 1.11
CA LEU A 114 4.67 -1.35 -0.27
C LEU A 114 3.61 -0.46 -0.94
N VAL A 115 4.05 0.68 -1.53
CA VAL A 115 3.18 1.68 -2.20
C VAL A 115 3.58 1.85 -3.66
N PHE A 116 2.60 1.73 -4.56
CA PHE A 116 2.79 1.91 -6.00
C PHE A 116 1.94 3.11 -6.43
N MET A 117 2.62 4.14 -6.99
CA MET A 117 1.98 5.39 -7.43
C MET A 117 2.36 5.67 -8.88
N SER A 118 1.53 5.22 -9.82
CA SER A 118 1.74 5.40 -11.26
C SER A 118 0.38 5.45 -11.97
N HIS A 119 0.34 5.03 -13.25
CA HIS A 119 -0.87 4.94 -14.04
C HIS A 119 -1.26 3.46 -14.12
N GLY A 120 -2.48 3.19 -14.57
CA GLY A 120 -2.94 1.82 -14.69
C GLY A 120 -4.14 1.59 -15.56
N ILE A 121 -4.40 0.30 -15.81
CA ILE A 121 -5.51 -0.25 -16.58
C ILE A 121 -6.06 -1.48 -15.82
N ARG A 122 -6.81 -2.36 -16.51
CA ARG A 122 -7.39 -3.56 -15.88
C ARG A 122 -6.31 -4.63 -15.66
N GLU A 123 -5.26 -4.65 -16.50
CA GLU A 123 -4.16 -5.62 -16.46
C GLU A 123 -3.15 -5.37 -15.35
N GLY A 124 -2.74 -4.11 -15.14
CA GLY A 124 -1.79 -3.75 -14.10
C GLY A 124 -1.26 -2.32 -14.11
N ILE A 125 -0.06 -2.13 -13.55
CA ILE A 125 0.65 -0.85 -13.41
C ILE A 125 1.55 -0.58 -14.63
N CYS A 126 1.54 0.66 -15.15
CA CYS A 126 2.31 1.10 -16.30
C CYS A 126 3.68 1.65 -15.90
N GLY A 127 4.69 1.35 -16.73
CA GLY A 127 6.05 1.83 -16.56
C GLY A 127 6.25 3.18 -17.25
N LYS A 128 7.49 3.70 -17.27
CA LYS A 128 7.78 4.99 -17.92
C LYS A 128 7.91 4.87 -19.45
N LYS A 129 8.05 3.64 -19.97
CA LYS A 129 8.17 3.37 -21.41
C LYS A 129 6.89 2.78 -22.04
N HIS A 130 5.76 2.82 -21.30
CA HIS A 130 4.47 2.31 -21.75
C HIS A 130 3.78 3.19 -22.81
N SER A 131 3.18 2.53 -23.82
CA SER A 131 2.42 3.12 -24.92
C SER A 131 1.37 2.11 -25.42
N GLU A 132 0.37 2.57 -26.19
CA GLU A 132 -0.72 1.73 -26.73
C GLU A 132 -0.24 0.68 -27.75
N GLN A 133 0.89 0.95 -28.44
CA GLN A 133 1.49 0.04 -29.43
C GLN A 133 2.44 -0.94 -28.73
N VAL A 134 3.44 -0.41 -27.98
CA VAL A 134 4.44 -1.20 -27.22
C VAL A 134 4.21 -0.98 -25.70
N PRO A 135 3.44 -1.86 -25.03
CA PRO A 135 3.17 -1.65 -23.60
C PRO A 135 4.29 -2.06 -22.64
N ASP A 136 4.18 -1.63 -21.37
CA ASP A 136 5.10 -1.90 -20.27
C ASP A 136 4.24 -2.09 -18.98
N ILE A 137 3.39 -3.14 -18.99
CA ILE A 137 2.44 -3.48 -17.92
C ILE A 137 2.98 -4.50 -16.91
N LEU A 138 2.84 -4.18 -15.61
CA LEU A 138 3.26 -5.04 -14.49
C LEU A 138 2.00 -5.53 -13.77
N GLN A 139 1.71 -6.85 -13.90
CA GLN A 139 0.55 -7.51 -13.30
C GLN A 139 0.65 -7.58 -11.77
N LEU A 140 -0.51 -7.50 -11.09
CA LEU A 140 -0.59 -7.59 -9.62
C LEU A 140 -0.19 -8.99 -9.11
N ASN A 141 -0.41 -10.03 -9.94
CA ASN A 141 -0.06 -11.43 -9.63
C ASN A 141 1.47 -11.62 -9.55
N ALA A 142 2.23 -10.90 -10.41
CA ALA A 142 3.70 -10.92 -10.45
C ALA A 142 4.30 -10.35 -9.15
N ILE A 143 3.58 -9.40 -8.51
CA ILE A 143 3.95 -8.78 -7.23
C ILE A 143 3.75 -9.81 -6.10
N PHE A 144 2.59 -10.49 -6.10
CA PHE A 144 2.22 -11.52 -5.12
C PHE A 144 3.09 -12.77 -5.20
N ASN A 145 3.56 -13.10 -6.42
CA ASN A 145 4.44 -14.24 -6.67
C ASN A 145 5.85 -13.99 -6.13
N MET A 146 6.34 -12.74 -6.26
N MET A 146 6.36 -12.75 -6.25
CA MET A 146 7.67 -12.30 -5.81
CA MET A 146 7.70 -12.40 -5.78
C MET A 146 7.75 -12.10 -4.29
C MET A 146 7.75 -12.12 -4.27
N LEU A 147 6.60 -11.82 -3.64
CA LEU A 147 6.52 -11.57 -2.19
C LEU A 147 6.01 -12.76 -1.37
N ASN A 148 5.75 -13.91 -2.01
CA ASN A 148 5.25 -15.11 -1.35
C ASN A 148 6.34 -15.84 -0.53
N THR A 149 6.00 -16.97 0.11
CA THR A 149 6.93 -17.74 0.94
C THR A 149 7.97 -18.53 0.12
N LYS A 150 7.71 -18.73 -1.21
CA LYS A 150 8.65 -19.44 -2.10
C LYS A 150 9.84 -18.52 -2.47
N ASN A 151 9.56 -17.28 -2.89
CA ASN A 151 10.56 -16.29 -3.29
C ASN A 151 11.10 -15.50 -2.08
N CYS A 152 10.22 -15.17 -1.11
CA CYS A 152 10.62 -14.43 0.09
C CYS A 152 10.43 -15.27 1.38
N PRO A 153 11.47 -16.05 1.78
CA PRO A 153 11.34 -16.89 2.99
C PRO A 153 11.41 -16.11 4.31
N SER A 154 12.03 -14.91 4.30
CA SER A 154 12.20 -14.04 5.45
C SER A 154 10.90 -13.43 5.99
N LEU A 155 9.82 -13.36 5.17
CA LEU A 155 8.56 -12.78 5.60
C LEU A 155 7.46 -13.82 5.91
N LYS A 156 7.84 -15.07 6.20
CA LYS A 156 6.94 -16.18 6.57
C LYS A 156 6.14 -15.84 7.84
N ASP A 157 4.80 -16.05 7.79
CA ASP A 157 3.83 -15.81 8.87
C ASP A 157 3.71 -14.32 9.30
N LYS A 158 4.14 -13.38 8.44
CA LYS A 158 4.14 -11.95 8.73
C LYS A 158 3.20 -11.15 7.83
N PRO A 159 2.57 -10.06 8.34
CA PRO A 159 1.69 -9.25 7.47
C PRO A 159 2.45 -8.50 6.37
N LYS A 160 1.91 -8.52 5.13
CA LYS A 160 2.49 -7.88 3.94
C LYS A 160 1.39 -7.04 3.23
N VAL A 161 1.30 -5.74 3.58
CA VAL A 161 0.32 -4.79 3.04
C VAL A 161 0.83 -4.12 1.74
N ILE A 162 -0.05 -4.01 0.73
CA ILE A 162 0.24 -3.41 -0.58
C ILE A 162 -0.81 -2.30 -0.90
N ILE A 163 -0.33 -1.07 -1.13
CA ILE A 163 -1.16 0.09 -1.46
C ILE A 163 -0.93 0.45 -2.93
N ILE A 164 -2.04 0.65 -3.69
CA ILE A 164 -2.02 0.98 -5.12
C ILE A 164 -2.79 2.28 -5.38
N GLN A 165 -2.11 3.27 -6.00
CA GLN A 165 -2.68 4.55 -6.40
C GLN A 165 -2.47 4.72 -7.90
N ALA A 166 -3.44 4.22 -8.69
CA ALA A 166 -3.46 4.22 -10.15
C ALA A 166 -4.88 3.96 -10.67
N CYS A 167 -5.13 4.24 -11.96
CA CYS A 167 -6.43 3.99 -12.60
C CYS A 167 -6.65 2.48 -12.80
N ARG A 168 -7.91 2.08 -13.00
CA ARG A 168 -8.26 0.67 -13.23
C ARG A 168 -8.94 0.49 -14.59
N GLY A 169 -9.15 1.60 -15.29
CA GLY A 169 -9.77 1.65 -16.62
C GLY A 169 -9.88 3.05 -17.19
N ASP A 170 -11.05 3.34 -17.82
CA ASP A 170 -11.35 4.63 -18.45
C ASP A 170 -12.72 5.21 -18.04
N SER A 171 -13.67 4.37 -17.59
CA SER A 171 -15.02 4.75 -17.17
C SER A 171 -15.05 5.66 -15.92
N PRO A 172 -16.05 6.58 -15.75
CA PRO A 172 -16.06 7.43 -14.54
C PRO A 172 -16.59 6.75 -13.27
N GLY A 173 -17.04 5.50 -13.40
CA GLY A 173 -17.55 4.67 -12.29
C GLY A 173 -18.85 5.12 -11.65
N VAL A 174 -19.68 5.85 -12.41
CA VAL A 174 -20.94 6.37 -11.90
C VAL A 174 -22.13 6.00 -12.82
N VAL A 175 -23.33 5.90 -12.23
CA VAL A 175 -24.59 5.58 -12.92
C VAL A 175 -25.75 6.38 -12.29
N TRP A 176 -26.51 7.11 -13.13
CA TRP A 176 -27.62 7.98 -12.71
C TRP A 176 -28.78 7.23 -12.07
N PHE A 177 -29.54 7.92 -11.19
CA PHE A 177 -30.68 7.38 -10.45
C PHE A 177 -31.81 8.39 -10.24
N LYS A 178 -33.01 7.89 -9.92
CA LYS A 178 -34.22 8.70 -9.68
C LYS A 178 -34.23 9.30 -8.27
N ILE B 3 11.89 -32.01 7.12
CA ILE B 3 11.23 -31.01 6.28
C ILE B 3 9.73 -30.92 6.55
N LYS B 4 9.19 -29.68 6.55
CA LYS B 4 7.77 -29.43 6.81
C LYS B 4 7.16 -28.47 5.79
N LYS B 5 5.97 -28.84 5.28
CA LYS B 5 5.20 -28.06 4.29
C LYS B 5 4.56 -26.81 4.89
N ALA B 6 4.32 -25.78 4.05
CA ALA B 6 3.69 -24.50 4.43
C ALA B 6 2.98 -23.84 3.24
N HIS B 7 1.89 -23.09 3.50
CA HIS B 7 1.11 -22.37 2.47
C HIS B 7 2.01 -21.43 1.65
N ILE B 8 1.91 -21.50 0.30
CA ILE B 8 2.71 -20.68 -0.61
C ILE B 8 2.31 -19.19 -0.52
N GLU B 9 1.00 -18.87 -0.38
CA GLU B 9 0.46 -17.52 -0.24
C GLU B 9 -0.39 -17.45 1.04
N LYS B 10 -0.01 -16.53 1.97
CA LYS B 10 -0.66 -16.32 3.26
C LYS B 10 -0.20 -14.99 3.89
N ASP B 11 -1.09 -14.35 4.70
CA ASP B 11 -0.88 -13.10 5.45
C ASP B 11 -0.55 -11.89 4.54
N PHE B 12 -1.35 -11.73 3.49
CA PHE B 12 -1.29 -10.65 2.51
C PHE B 12 -2.56 -9.82 2.58
N ILE B 13 -2.52 -8.58 2.02
CA ILE B 13 -3.64 -7.61 1.94
C ILE B 13 -3.29 -6.49 0.95
N ALA B 14 -4.12 -6.32 -0.06
CA ALA B 14 -3.96 -5.26 -1.03
C ALA B 14 -5.12 -4.26 -0.90
N PHE B 15 -4.82 -2.97 -1.09
CA PHE B 15 -5.80 -1.88 -1.03
C PHE B 15 -5.55 -0.94 -2.20
N CYS B 16 -6.56 -0.81 -3.07
CA CYS B 16 -6.54 0.00 -4.29
C CYS B 16 -7.34 1.30 -4.10
N SER B 17 -7.04 2.31 -4.94
CA SER B 17 -7.67 3.64 -4.94
C SER B 17 -9.08 3.70 -5.54
N SER B 18 -9.40 2.80 -6.51
CA SER B 18 -10.69 2.74 -7.20
C SER B 18 -11.13 1.28 -7.47
N THR B 19 -12.33 1.09 -8.06
CA THR B 19 -12.89 -0.22 -8.41
C THR B 19 -12.45 -0.65 -9.83
N PRO B 20 -12.46 -1.95 -10.21
CA PRO B 20 -12.02 -2.33 -11.57
C PRO B 20 -12.85 -1.71 -12.69
N ASP B 21 -12.17 -1.34 -13.80
CA ASP B 21 -12.68 -0.69 -15.02
C ASP B 21 -13.11 0.78 -14.78
N ASN B 22 -12.67 1.40 -13.66
CA ASN B 22 -12.97 2.78 -13.29
C ASN B 22 -11.70 3.60 -13.00
N VAL B 23 -11.80 4.94 -12.98
CA VAL B 23 -10.65 5.83 -12.76
C VAL B 23 -10.54 6.40 -11.32
N SER B 24 -9.30 6.68 -10.88
CA SER B 24 -8.97 7.30 -9.60
C SER B 24 -8.75 8.80 -9.83
N TRP B 25 -9.12 9.64 -8.85
CA TRP B 25 -8.96 11.10 -8.97
C TRP B 25 -7.76 11.64 -8.19
N ARG B 26 -6.89 12.40 -8.89
CA ARG B 26 -5.67 13.00 -8.36
C ARG B 26 -5.67 14.52 -8.55
N HIS B 27 -5.45 15.28 -7.46
CA HIS B 27 -5.42 16.75 -7.50
C HIS B 27 -4.06 17.26 -8.00
N PRO B 28 -4.03 18.23 -8.95
CA PRO B 28 -2.74 18.70 -9.48
C PRO B 28 -1.82 19.43 -8.50
N THR B 29 -2.37 20.03 -7.43
CA THR B 29 -1.58 20.77 -6.42
C THR B 29 -1.71 20.19 -5.00
N MET B 30 -2.88 19.60 -4.66
CA MET B 30 -3.12 19.03 -3.34
C MET B 30 -2.70 17.56 -3.20
N GLY B 31 -2.82 16.81 -4.29
CA GLY B 31 -2.47 15.39 -4.33
C GLY B 31 -3.68 14.46 -4.36
N SER B 32 -3.43 13.17 -4.68
CA SER B 32 -4.43 12.10 -4.76
C SER B 32 -5.37 12.07 -3.57
N VAL B 33 -6.68 12.09 -3.83
CA VAL B 33 -7.75 12.09 -2.82
C VAL B 33 -7.65 10.84 -1.93
N PHE B 34 -7.39 9.67 -2.55
CA PHE B 34 -7.26 8.39 -1.85
C PHE B 34 -6.12 8.39 -0.83
N ILE B 35 -4.87 8.69 -1.28
CA ILE B 35 -3.65 8.73 -0.46
C ILE B 35 -3.81 9.69 0.74
N GLY B 36 -4.38 10.87 0.47
CA GLY B 36 -4.65 11.88 1.49
C GLY B 36 -5.58 11.38 2.59
N ARG B 37 -6.68 10.71 2.17
CA ARG B 37 -7.69 10.14 3.08
C ARG B 37 -7.14 8.96 3.87
N LEU B 38 -6.25 8.16 3.25
CA LEU B 38 -5.58 7.02 3.92
C LEU B 38 -4.72 7.58 5.06
N ILE B 39 -4.04 8.73 4.84
CA ILE B 39 -3.22 9.43 5.83
C ILE B 39 -4.09 9.95 7.01
N GLU B 40 -5.25 10.56 6.72
CA GLU B 40 -6.21 11.09 7.72
C GLU B 40 -6.72 9.99 8.67
N HIS B 41 -7.00 8.79 8.11
CA HIS B 41 -7.53 7.65 8.85
C HIS B 41 -6.44 6.90 9.63
N MET B 42 -5.27 6.65 9.00
CA MET B 42 -4.15 5.94 9.63
C MET B 42 -3.63 6.66 10.88
N GLN B 43 -3.59 8.01 10.87
CA GLN B 43 -3.12 8.82 12.00
C GLN B 43 -4.00 8.65 13.25
N GLU B 44 -5.33 8.80 13.06
CA GLU B 44 -6.38 8.75 14.08
C GLU B 44 -6.71 7.34 14.60
N TYR B 45 -6.83 6.36 13.69
CA TYR B 45 -7.29 5.03 14.05
C TYR B 45 -6.22 3.92 14.17
N ALA B 46 -4.91 4.23 14.07
CA ALA B 46 -3.86 3.21 14.20
C ALA B 46 -3.74 2.67 15.63
N CYS B 47 -4.17 3.48 16.62
CA CYS B 47 -4.12 3.19 18.05
C CYS B 47 -5.21 2.21 18.54
N SER B 48 -6.41 2.27 17.94
CA SER B 48 -7.56 1.46 18.35
C SER B 48 -8.11 0.49 17.29
N CYS B 49 -7.85 0.76 16.00
CA CYS B 49 -8.34 -0.07 14.91
C CYS B 49 -7.21 -0.76 14.15
N ASP B 50 -7.50 -1.94 13.58
CA ASP B 50 -6.54 -2.68 12.75
C ASP B 50 -6.72 -2.28 11.27
N VAL B 51 -5.76 -2.70 10.41
CA VAL B 51 -5.73 -2.37 8.97
C VAL B 51 -7.05 -2.68 8.24
N GLU B 52 -7.70 -3.82 8.54
CA GLU B 52 -8.99 -4.23 7.96
C GLU B 52 -10.12 -3.30 8.43
N GLU B 53 -10.10 -2.94 9.73
CA GLU B 53 -11.06 -2.02 10.37
C GLU B 53 -10.88 -0.58 9.83
N ILE B 54 -9.61 -0.15 9.60
CA ILE B 54 -9.22 1.17 9.07
C ILE B 54 -9.63 1.33 7.60
N PHE B 55 -9.25 0.36 6.74
CA PHE B 55 -9.54 0.38 5.31
C PHE B 55 -11.03 0.33 5.01
N ARG B 56 -11.84 -0.20 5.96
CA ARG B 56 -13.29 -0.28 5.85
C ARG B 56 -13.86 1.14 6.05
N LYS B 57 -13.32 1.89 7.05
CA LYS B 57 -13.70 3.27 7.36
C LYS B 57 -13.35 4.21 6.20
N VAL B 58 -12.20 3.95 5.52
CA VAL B 58 -11.69 4.71 4.36
C VAL B 58 -12.73 4.68 3.23
N ARG B 59 -13.25 3.47 2.89
CA ARG B 59 -14.27 3.28 1.87
C ARG B 59 -15.54 4.10 2.17
N PHE B 60 -15.96 4.16 3.46
CA PHE B 60 -17.14 4.88 3.94
C PHE B 60 -17.12 6.39 3.69
N SER B 61 -15.94 7.02 3.70
CA SER B 61 -15.79 8.46 3.44
C SER B 61 -15.95 8.79 1.95
N PHE B 62 -15.89 7.76 1.09
CA PHE B 62 -16.06 7.87 -0.36
C PHE B 62 -17.48 7.55 -0.81
N GLU B 63 -18.33 7.01 0.09
CA GLU B 63 -19.73 6.60 -0.12
C GLU B 63 -20.66 7.68 -0.76
N GLN B 64 -20.32 8.98 -0.64
CA GLN B 64 -21.13 10.05 -1.23
C GLN B 64 -20.53 10.62 -2.54
N PRO B 65 -21.07 10.23 -3.72
CA PRO B 65 -20.50 10.73 -4.99
C PRO B 65 -21.07 12.08 -5.45
N ASP B 66 -20.19 13.09 -5.58
CA ASP B 66 -20.52 14.45 -6.03
C ASP B 66 -19.43 14.93 -7.00
N GLY B 67 -19.79 15.08 -8.27
CA GLY B 67 -18.87 15.49 -9.34
C GLY B 67 -17.96 14.36 -9.73
N ARG B 68 -16.90 14.13 -8.93
CA ARG B 68 -15.92 13.06 -9.12
C ARG B 68 -16.24 11.93 -8.13
N ALA B 69 -16.32 10.69 -8.63
CA ALA B 69 -16.63 9.53 -7.80
C ALA B 69 -15.57 8.43 -7.90
N GLN B 70 -15.16 7.88 -6.74
CA GLN B 70 -14.18 6.79 -6.65
C GLN B 70 -14.41 5.90 -5.43
N MET B 71 -14.39 4.57 -5.62
CA MET B 71 -14.60 3.63 -4.54
C MET B 71 -13.39 2.71 -4.31
N PRO B 72 -12.65 2.86 -3.19
CA PRO B 72 -11.50 1.98 -2.94
C PRO B 72 -11.92 0.53 -2.72
N THR B 73 -11.04 -0.42 -3.03
CA THR B 73 -11.35 -1.85 -2.91
C THR B 73 -10.24 -2.64 -2.25
N THR B 74 -10.62 -3.64 -1.46
CA THR B 74 -9.69 -4.54 -0.78
C THR B 74 -9.75 -5.90 -1.50
N GLU B 75 -8.60 -6.35 -2.01
CA GLU B 75 -8.42 -7.57 -2.80
C GLU B 75 -7.40 -8.53 -2.18
N ARG B 76 -7.37 -9.77 -2.72
CA ARG B 76 -6.46 -10.88 -2.41
C ARG B 76 -6.01 -10.95 -0.94
N VAL B 77 -6.98 -11.00 -0.01
CA VAL B 77 -6.75 -11.04 1.44
C VAL B 77 -6.58 -12.47 1.95
N THR B 78 -5.40 -12.76 2.52
CA THR B 78 -5.04 -14.05 3.12
C THR B 78 -4.63 -13.86 4.60
N LEU B 79 -5.08 -12.75 5.24
CA LEU B 79 -4.77 -12.46 6.66
C LEU B 79 -5.60 -13.37 7.55
N THR B 80 -4.94 -14.15 8.39
CA THR B 80 -5.57 -15.09 9.32
C THR B 80 -5.74 -14.47 10.72
N ARG B 81 -5.05 -13.35 11.00
CA ARG B 81 -5.07 -12.66 12.29
C ARG B 81 -5.27 -11.14 12.12
N CYS B 82 -5.45 -10.42 13.25
CA CYS B 82 -5.63 -8.97 13.28
C CYS B 82 -4.27 -8.27 13.27
N PHE B 83 -4.06 -7.38 12.30
CA PHE B 83 -2.80 -6.64 12.23
C PHE B 83 -2.96 -5.28 12.88
N TYR B 84 -2.67 -5.23 14.19
CA TYR B 84 -2.69 -4.02 15.00
C TYR B 84 -1.30 -3.40 14.93
N LEU B 85 -1.22 -2.10 14.61
CA LEU B 85 0.04 -1.37 14.47
C LEU B 85 0.72 -1.00 15.80
N PHE B 86 -0.07 -0.60 16.81
CA PHE B 86 0.35 -0.14 18.15
C PHE B 86 1.33 1.06 18.06
N PRO B 87 0.88 2.28 17.65
CA PRO B 87 1.80 3.42 17.54
C PRO B 87 2.40 3.89 18.86
N GLY B 88 3.72 4.02 18.88
CA GLY B 88 4.49 4.45 20.04
C GLY B 88 5.33 3.35 20.67
N HIS B 89 4.93 2.08 20.46
CA HIS B 89 5.63 0.93 21.00
C HIS B 89 6.63 0.34 20.02
C4 N7N C . -7.12 15.21 -13.07
C5 N7N C . -7.17 13.66 -12.90
C6 N7N C . -6.85 13.57 -16.33
C7 N7N C . -8.04 13.23 -15.38
C9 N7N C . -7.82 11.35 -13.80
C10 N7N C . -8.74 10.87 -14.94
C11 N7N C . -8.82 12.03 -15.96
C12 N7N C . -6.44 10.65 -13.78
C15 N7N C . -8.81 16.26 -11.53
C1 N7N C . -5.72 15.68 -13.60
C2 N7N C . -5.20 14.98 -14.89
C3 N7N C . -6.18 14.95 -16.11
N8 N7N C . -7.67 12.83 -13.98
N13 N7N C . -7.50 15.89 -11.80
O14 N7N C . -6.78 13.14 -11.85
O16 N7N C . -9.67 16.46 -12.39
C17 N7N C . -9.15 16.43 -10.06
N18 N7N C . -8.92 15.33 -9.30
C19 N7N C . -9.26 15.35 -7.95
C20 N7N C . -9.80 16.46 -7.31
C21 N7N C . -9.73 17.66 -9.51
C22 N7N C . -10.05 17.64 -8.10
C23 N7N C . -10.64 18.81 -7.49
C24 N7N C . -10.90 19.93 -8.26
C25 N7N C . -10.58 19.96 -9.65
C26 N7N C . -10.01 18.85 -10.27
O27 N7N C . -5.55 10.98 -14.58
N28 N7N C . -6.29 9.67 -12.82
C29 N7N C . -5.25 7.46 -13.17
O30 N7N C . -2.92 7.55 -10.31
C31 N7N C . -3.19 8.60 -10.91
C32 N7N C . -4.70 8.91 -11.12
O33 N7N C . -2.36 9.44 -11.33
C34 N7N C . -5.03 8.90 -12.63
O35 N7N C . -4.94 7.40 -14.54
#